data_8AQ3
#
_entry.id   8AQ3
#
_cell.length_a   160.994
_cell.length_b   160.994
_cell.length_c   91.282
_cell.angle_alpha   90.000
_cell.angle_beta   90.000
_cell.angle_gamma   120.000
#
_symmetry.space_group_name_H-M   'P 32 2 1'
#
loop_
_entity.id
_entity.type
_entity.pdbx_description
1 polymer 'Apolipoprotein N-acyltransferase'
2 non-polymer '[(2~{R})-1-[2-azanylethoxy(oxidanyl)phosphoryl]oxy-3-hexadecanoyloxy-propan-2-yl] (~{Z})-octadec-9-enoate'
3 non-polymer 1-METHOXY-2-[2-(2-METHOXY-ETHOXY]-ETHANE
4 non-polymer 1-(2-METHOXY-ETHOXY)-2-{2-[2-(2-METHOXY-ETHOXY]-ETHOXY}-ETHANE
5 non-polymer 2-AMINO-2-HYDROXYMETHYL-PROPANE-1,3-DIOL
6 non-polymer 'ACETATE ION'
7 non-polymer GLYCEROL
8 non-polymer DODECYL-BETA-D-MALTOSIDE
9 non-polymer 'CHLORIDE ION'
10 water water
#
_entity_poly.entity_id   1
_entity_poly.type   'polypeptide(L)'
_entity_poly.pdbx_seq_one_letter_code
;MGSSHHHHHHSSGLVPRGSHMAFASLIERQRIRLLLALLFGACGTLAFSPYDVWPAAIISLMGLQALTFNRRPLQSAAIG
FCWGFGLFGSGINWVYVSIATFGGMPGPVNIFLVVLLAAYLSLYTGLFAGVLSRLWPKTTWLRVAIAAPALWQVTEFLRG
WVLTGFPWLQFGYSQIDGPLKGLAPIMGVEAINFLLMMVSGLLALALVKRNWRPLVVAVVLFALPFPLRYIQWFTPQPEK
TIQVSMVQGDIPQSLKWDEGQLLNTLKIYYNATAPLMGKSSLIIWPESAITDLEINQQPFLKALDGELRDKGSSLVTGIV
DARLNKQNRYDTYNTIITLGKGAPYSYESADRYNKNHLVPFGEFVPLESILRPLAPFFDLPMSSFSRGPYIQPPLSANGI
ELTAAIAYEIILGEQVRDNFRPDTDYLLTISNDAWFGKSIGPWQHFQMARMRALELARPLLRSTNNGITAVIGPQGEIQA
MIPQFTREVLTTNVTPTTGLTPYARTGNWPLWVLTALFGFAAVLMSLRQRRK
;
_entity_poly.pdbx_strand_id   A
#
# COMPACT_ATOMS: atom_id res chain seq x y z
N MET A 21 -43.63 9.93 6.65
CA MET A 21 -43.58 10.03 8.10
C MET A 21 -43.16 8.71 8.75
N ALA A 22 -43.84 7.61 8.38
CA ALA A 22 -43.45 6.30 8.90
C ALA A 22 -42.13 5.83 8.32
N PHE A 23 -41.83 6.18 7.07
CA PHE A 23 -40.57 5.79 6.47
C PHE A 23 -39.41 6.52 7.13
N ALA A 24 -39.53 7.83 7.29
CA ALA A 24 -38.50 8.60 7.99
C ALA A 24 -38.35 8.13 9.43
N SER A 25 -39.46 7.84 10.10
CA SER A 25 -39.37 7.39 11.48
C SER A 25 -38.66 6.06 11.60
N LEU A 26 -38.73 5.21 10.56
CA LEU A 26 -38.04 3.92 10.61
C LEU A 26 -36.53 4.09 10.54
N ILE A 27 -36.07 5.00 9.68
CA ILE A 27 -34.64 5.19 9.44
C ILE A 27 -33.95 5.79 10.66
N GLU A 28 -34.67 6.55 11.47
CA GLU A 28 -34.11 7.19 12.64
C GLU A 28 -34.09 6.27 13.86
N ARG A 29 -34.36 4.98 13.69
CA ARG A 29 -34.11 4.02 14.75
C ARG A 29 -32.63 3.66 14.78
N GLN A 30 -32.07 3.54 15.98
CA GLN A 30 -30.62 3.37 16.11
C GLN A 30 -30.19 1.98 15.64
N ARG A 31 -30.93 0.93 16.00
CA ARG A 31 -30.58 -0.42 15.56
C ARG A 31 -30.65 -0.55 14.04
N ILE A 32 -31.41 0.31 13.36
CA ILE A 32 -31.47 0.30 11.89
C ILE A 32 -30.25 0.97 11.29
N ARG A 33 -29.78 2.06 11.91
CA ARG A 33 -28.62 2.78 11.38
C ARG A 33 -27.36 1.92 11.46
N LEU A 34 -27.26 1.10 12.51
CA LEU A 34 -26.14 0.18 12.63
C LEU A 34 -26.13 -0.82 11.47
N LEU A 35 -27.27 -1.46 11.22
CA LEU A 35 -27.34 -2.42 10.12
C LEU A 35 -27.03 -1.73 8.79
N LEU A 36 -27.58 -0.54 8.58
CA LEU A 36 -27.26 0.17 7.35
C LEU A 36 -25.79 0.56 7.30
N ALA A 37 -25.16 0.78 8.46
CA ALA A 37 -23.74 1.14 8.46
C ALA A 37 -22.86 -0.03 8.01
N LEU A 38 -23.19 -1.26 8.42
CA LEU A 38 -22.47 -2.42 7.91
C LEU A 38 -22.55 -2.48 6.38
N LEU A 39 -23.78 -2.42 5.85
CA LEU A 39 -23.96 -2.52 4.41
C LEU A 39 -23.24 -1.39 3.69
N PHE A 40 -23.37 -0.16 4.18
CA PHE A 40 -22.69 0.96 3.54
C PHE A 40 -21.18 0.89 3.72
N GLY A 41 -20.71 0.38 4.86
CA GLY A 41 -19.28 0.17 5.03
C GLY A 41 -18.75 -0.92 4.12
N ALA A 42 -19.40 -2.09 4.12
CA ALA A 42 -19.00 -3.18 3.25
C ALA A 42 -18.95 -2.76 1.79
N CYS A 43 -19.90 -1.90 1.39
CA CYS A 43 -19.95 -1.42 0.02
C CYS A 43 -18.65 -0.74 -0.40
N GLY A 44 -17.94 -0.12 0.54
CA GLY A 44 -16.68 0.53 0.21
C GLY A 44 -15.66 -0.40 -0.43
N THR A 45 -15.60 -1.65 0.05
CA THR A 45 -14.64 -2.63 -0.45
C THR A 45 -14.72 -2.77 -1.97
N LEU A 46 -15.91 -2.57 -2.55
CA LEU A 46 -16.07 -2.69 -4.00
C LEU A 46 -15.37 -1.58 -4.76
N ALA A 47 -14.92 -0.52 -4.08
CA ALA A 47 -14.20 0.56 -4.75
C ALA A 47 -12.77 0.17 -5.11
N PHE A 48 -12.18 -0.78 -4.39
CA PHE A 48 -10.80 -1.19 -4.60
C PHE A 48 -10.70 -2.37 -5.57
N SER A 49 -9.47 -2.61 -6.04
CA SER A 49 -9.21 -3.78 -6.87
C SER A 49 -9.51 -5.04 -6.05
N PRO A 50 -10.04 -6.10 -6.68
CA PRO A 50 -10.22 -6.31 -8.13
C PRO A 50 -11.56 -5.82 -8.69
N TYR A 51 -12.38 -5.20 -7.84
CA TYR A 51 -13.72 -4.76 -8.24
C TYR A 51 -13.69 -3.41 -8.98
N ASP A 52 -13.01 -2.41 -8.42
CA ASP A 52 -12.72 -1.14 -9.11
C ASP A 52 -13.98 -0.35 -9.47
N VAL A 53 -15.00 -0.42 -8.60
CA VAL A 53 -16.20 0.38 -8.78
C VAL A 53 -15.94 1.68 -8.02
N TRP A 54 -15.32 2.65 -8.68
CA TRP A 54 -14.92 3.85 -7.95
C TRP A 54 -16.09 4.64 -7.39
N PRO A 55 -17.30 4.65 -7.97
CA PRO A 55 -18.42 5.30 -7.29
C PRO A 55 -18.83 4.64 -5.98
N ALA A 56 -18.54 3.35 -5.77
CA ALA A 56 -18.85 2.74 -4.48
C ALA A 56 -18.20 3.49 -3.31
N ALA A 57 -17.08 4.16 -3.56
CA ALA A 57 -16.43 4.91 -2.49
C ALA A 57 -17.28 6.11 -2.08
N ILE A 58 -17.84 6.82 -3.07
CA ILE A 58 -18.73 7.94 -2.78
C ILE A 58 -20.02 7.46 -2.11
N ILE A 59 -20.59 6.34 -2.58
CA ILE A 59 -21.75 5.76 -1.92
C ILE A 59 -21.41 5.43 -0.47
N SER A 60 -20.27 4.77 -0.25
CA SER A 60 -19.90 4.32 1.10
C SER A 60 -19.67 5.50 2.05
N LEU A 61 -19.07 6.58 1.56
CA LEU A 61 -18.80 7.72 2.43
C LEU A 61 -20.05 8.54 2.69
N MET A 62 -20.94 8.67 1.68
CA MET A 62 -22.25 9.27 1.92
C MET A 62 -23.00 8.54 3.01
N GLY A 63 -22.90 7.21 3.02
CA GLY A 63 -23.49 6.44 4.09
C GLY A 63 -22.95 6.84 5.45
N LEU A 64 -21.62 6.87 5.59
CA LEU A 64 -21.01 7.22 6.87
C LEU A 64 -21.38 8.63 7.28
N GLN A 65 -21.42 9.56 6.34
CA GLN A 65 -21.69 10.93 6.77
C GLN A 65 -23.18 11.16 7.01
N ALA A 66 -24.06 10.62 6.16
CA ALA A 66 -25.49 10.80 6.38
C ALA A 66 -25.98 10.03 7.60
N LEU A 67 -25.55 8.77 7.76
CA LEU A 67 -26.05 7.93 8.85
C LEU A 67 -25.70 8.46 10.23
N THR A 68 -24.80 9.43 10.35
CA THR A 68 -24.43 9.96 11.66
C THR A 68 -25.15 11.27 12.01
N PHE A 69 -25.87 11.86 11.05
CA PHE A 69 -26.62 13.09 11.31
C PHE A 69 -27.58 12.95 12.50
N ASN A 70 -27.75 14.06 13.23
CA ASN A 70 -28.79 14.20 14.25
C ASN A 70 -28.78 13.05 15.25
N ARG A 71 -27.59 12.64 15.68
CA ARG A 71 -27.43 11.61 16.71
C ARG A 71 -26.57 12.15 17.84
N ARG A 72 -26.75 11.55 19.02
CA ARG A 72 -25.92 11.88 20.16
C ARG A 72 -24.48 11.50 19.87
N PRO A 73 -23.51 12.16 20.53
CA PRO A 73 -22.10 11.84 20.24
C PRO A 73 -21.77 10.36 20.39
N LEU A 74 -22.11 9.74 21.52
CA LEU A 74 -21.78 8.35 21.70
C LEU A 74 -22.64 7.46 20.80
N GLN A 75 -23.81 7.94 20.38
CA GLN A 75 -24.59 7.22 19.38
C GLN A 75 -23.88 7.20 18.03
N SER A 76 -23.31 8.33 17.64
CA SER A 76 -22.64 8.43 16.36
C SER A 76 -21.37 7.59 16.32
N ALA A 77 -20.68 7.43 17.46
CA ALA A 77 -19.50 6.58 17.48
C ALA A 77 -19.86 5.12 17.22
N ALA A 78 -21.02 4.67 17.71
CA ALA A 78 -21.45 3.30 17.46
C ALA A 78 -21.69 3.08 15.96
N ILE A 79 -22.26 4.08 15.29
CA ILE A 79 -22.53 3.98 13.86
C ILE A 79 -21.22 3.98 13.08
N GLY A 80 -20.30 4.89 13.44
CA GLY A 80 -19.01 4.94 12.76
C GLY A 80 -18.19 3.68 12.96
N PHE A 81 -18.34 3.04 14.12
CA PHE A 81 -17.68 1.76 14.34
C PHE A 81 -18.22 0.69 13.39
N CYS A 82 -19.55 0.59 13.27
CA CYS A 82 -20.16 -0.43 12.43
C CYS A 82 -19.86 -0.20 10.96
N TRP A 83 -19.73 1.06 10.54
CA TRP A 83 -19.35 1.34 9.16
C TRP A 83 -17.96 0.77 8.87
N GLY A 84 -17.01 1.02 9.77
CA GLY A 84 -15.69 0.47 9.58
C GLY A 84 -15.67 -1.05 9.62
N PHE A 85 -16.43 -1.64 10.54
CA PHE A 85 -16.51 -3.09 10.62
C PHE A 85 -17.13 -3.69 9.36
N GLY A 86 -18.06 -2.97 8.72
CA GLY A 86 -18.49 -3.40 7.40
C GLY A 86 -17.37 -3.29 6.38
N LEU A 87 -16.63 -2.18 6.43
CA LEU A 87 -15.54 -1.93 5.48
C LEU A 87 -14.38 -2.89 5.70
N PHE A 88 -13.82 -2.87 6.91
CA PHE A 88 -12.65 -3.72 7.15
C PHE A 88 -13.05 -5.19 7.27
N GLY A 89 -14.25 -5.47 7.79
CA GLY A 89 -14.72 -6.85 7.87
C GLY A 89 -14.84 -7.50 6.50
N SER A 90 -15.27 -6.73 5.50
CA SER A 90 -15.37 -7.26 4.15
C SER A 90 -14.14 -7.01 3.29
N GLY A 91 -13.26 -6.09 3.70
CA GLY A 91 -12.14 -5.68 2.87
C GLY A 91 -10.79 -6.29 3.22
N ILE A 92 -10.52 -6.50 4.49
CA ILE A 92 -9.25 -7.08 4.89
C ILE A 92 -9.43 -8.47 5.52
N ASN A 93 -10.58 -9.11 5.34
CA ASN A 93 -10.74 -10.44 5.90
C ASN A 93 -9.85 -11.46 5.22
N TRP A 94 -9.29 -11.14 4.05
CA TRP A 94 -8.31 -12.03 3.40
C TRP A 94 -7.11 -12.33 4.28
N VAL A 95 -6.89 -11.56 5.35
CA VAL A 95 -5.84 -11.92 6.30
C VAL A 95 -6.08 -13.32 6.84
N TYR A 96 -7.34 -13.72 6.96
CA TYR A 96 -7.71 -15.06 7.40
C TYR A 96 -7.02 -16.15 6.59
N VAL A 97 -6.80 -15.93 5.28
CA VAL A 97 -6.15 -16.93 4.45
C VAL A 97 -4.78 -17.29 5.04
N SER A 98 -3.93 -16.28 5.26
CA SER A 98 -2.59 -16.55 5.76
C SER A 98 -2.62 -17.09 7.18
N ILE A 99 -3.60 -16.67 7.98
CA ILE A 99 -3.67 -17.15 9.36
C ILE A 99 -4.13 -18.61 9.41
N ALA A 100 -5.04 -18.99 8.51
CA ALA A 100 -5.55 -20.36 8.51
C ALA A 100 -4.52 -21.34 7.97
N THR A 101 -3.96 -21.06 6.80
CA THR A 101 -3.10 -22.03 6.13
C THR A 101 -1.78 -22.27 6.87
N PHE A 102 -1.23 -21.22 7.48
CA PHE A 102 0.08 -21.34 8.12
C PHE A 102 0.06 -21.06 9.61
N GLY A 103 -1.08 -20.68 10.17
CA GLY A 103 -1.13 -20.27 11.56
C GLY A 103 -1.05 -21.41 12.55
N GLY A 104 -1.57 -22.58 12.18
CA GLY A 104 -1.52 -23.72 13.08
C GLY A 104 -2.34 -23.55 14.34
N MET A 105 -3.45 -22.83 14.25
CA MET A 105 -4.36 -22.59 15.36
C MET A 105 -5.75 -23.14 15.04
N PRO A 106 -6.58 -23.39 16.05
CA PRO A 106 -7.93 -23.89 15.78
C PRO A 106 -8.80 -22.84 15.09
N GLY A 107 -9.88 -23.33 14.50
CA GLY A 107 -10.79 -22.52 13.72
C GLY A 107 -11.29 -21.27 14.42
N PRO A 108 -11.93 -21.44 15.58
CA PRO A 108 -12.51 -20.26 16.27
C PRO A 108 -11.54 -19.14 16.57
N VAL A 109 -10.31 -19.45 17.01
CA VAL A 109 -9.39 -18.34 17.29
C VAL A 109 -8.96 -17.66 16.00
N ASN A 110 -8.85 -18.41 14.91
CA ASN A 110 -8.47 -17.84 13.63
C ASN A 110 -9.43 -16.74 13.21
N ILE A 111 -10.74 -17.03 13.26
CA ILE A 111 -11.71 -16.00 12.92
C ILE A 111 -11.81 -14.94 14.02
N PHE A 112 -11.51 -15.31 15.27
CA PHE A 112 -11.50 -14.29 16.32
C PHE A 112 -10.43 -13.24 16.06
N LEU A 113 -9.24 -13.65 15.62
CA LEU A 113 -8.19 -12.68 15.32
C LEU A 113 -8.55 -11.81 14.12
N VAL A 114 -9.24 -12.38 13.13
CA VAL A 114 -9.65 -11.57 11.98
C VAL A 114 -10.68 -10.52 12.40
N VAL A 115 -11.70 -10.93 13.17
CA VAL A 115 -12.65 -9.95 13.67
C VAL A 115 -11.98 -9.00 14.65
N LEU A 116 -11.01 -9.49 15.42
CA LEU A 116 -10.27 -8.60 16.30
C LEU A 116 -9.56 -7.52 15.52
N LEU A 117 -8.86 -7.89 14.43
CA LEU A 117 -8.15 -6.89 13.65
C LEU A 117 -9.14 -5.91 13.02
N ALA A 118 -10.24 -6.42 12.48
CA ALA A 118 -11.25 -5.53 11.87
C ALA A 118 -11.90 -4.63 12.92
N ALA A 119 -12.06 -5.11 14.15
CA ALA A 119 -12.62 -4.27 15.20
C ALA A 119 -11.63 -3.17 15.60
N TYR A 120 -10.36 -3.53 15.77
CA TYR A 120 -9.34 -2.54 16.09
C TYR A 120 -9.31 -1.41 15.06
N LEU A 121 -9.27 -1.77 13.77
CA LEU A 121 -9.26 -0.73 12.73
C LEU A 121 -10.50 0.14 12.80
N SER A 122 -11.64 -0.42 13.19
CA SER A 122 -12.88 0.34 13.23
C SER A 122 -12.91 1.36 14.34
N LEU A 123 -12.04 1.23 15.36
CA LEU A 123 -11.95 2.27 16.38
C LEU A 123 -11.63 3.62 15.74
N TYR A 124 -10.79 3.63 14.72
CA TYR A 124 -10.35 4.91 14.16
C TYR A 124 -11.47 5.57 13.40
N THR A 125 -12.38 4.77 12.84
CA THR A 125 -13.50 5.34 12.12
C THR A 125 -14.69 5.59 13.05
N GLY A 126 -14.75 4.86 14.16
CA GLY A 126 -15.66 5.22 15.23
C GLY A 126 -15.21 6.45 15.99
N LEU A 127 -13.91 6.54 16.33
CA LEU A 127 -13.41 7.77 16.95
C LEU A 127 -13.67 8.97 16.07
N PHE A 128 -13.45 8.85 14.76
CA PHE A 128 -13.75 9.95 13.85
C PHE A 128 -15.19 10.40 14.00
N ALA A 129 -16.13 9.46 14.03
CA ALA A 129 -17.55 9.81 14.02
C ALA A 129 -18.01 10.32 15.37
N GLY A 130 -17.40 9.84 16.46
CA GLY A 130 -17.72 10.39 17.77
C GLY A 130 -17.34 11.85 17.90
N VAL A 131 -16.07 12.18 17.62
CA VAL A 131 -15.60 13.56 17.78
C VAL A 131 -16.40 14.50 16.89
N LEU A 132 -16.71 14.07 15.67
CA LEU A 132 -17.40 14.96 14.73
C LEU A 132 -18.80 15.31 15.20
N SER A 133 -19.40 14.46 16.02
CA SER A 133 -20.76 14.66 16.50
C SER A 133 -20.80 15.51 17.76
N ARG A 134 -19.85 15.31 18.69
CA ARG A 134 -19.79 16.15 19.88
C ARG A 134 -19.49 17.61 19.53
N LEU A 135 -18.53 17.83 18.63
CA LEU A 135 -18.12 19.21 18.35
C LEU A 135 -19.02 19.87 17.30
N TRP A 136 -19.49 19.13 16.31
CA TRP A 136 -20.37 19.69 15.28
C TRP A 136 -21.66 18.88 15.20
N PRO A 137 -22.56 19.03 16.18
CA PRO A 137 -23.76 18.19 16.18
C PRO A 137 -24.79 18.61 15.15
N LYS A 138 -24.90 19.89 14.85
CA LYS A 138 -25.88 20.33 13.87
C LYS A 138 -25.45 19.88 12.47
N THR A 139 -26.39 19.30 11.73
CA THR A 139 -26.11 18.86 10.37
C THR A 139 -26.01 20.10 9.49
N THR A 140 -24.85 20.74 9.55
CA THR A 140 -24.56 21.93 8.77
C THR A 140 -23.69 21.58 7.57
N TRP A 141 -23.53 22.56 6.67
CA TRP A 141 -22.61 22.42 5.56
C TRP A 141 -21.17 22.55 6.02
N LEU A 142 -20.95 23.04 7.23
CA LEU A 142 -19.61 23.17 7.79
C LEU A 142 -19.09 21.89 8.40
N ARG A 143 -19.98 21.10 9.02
CA ARG A 143 -19.51 19.85 9.60
C ARG A 143 -19.20 18.80 8.54
N VAL A 144 -19.80 18.90 7.34
CA VAL A 144 -19.58 17.86 6.34
C VAL A 144 -18.44 18.23 5.40
N ALA A 145 -18.31 19.51 5.07
CA ALA A 145 -17.33 19.91 4.06
C ALA A 145 -16.07 20.51 4.66
N ILE A 146 -16.05 20.80 5.97
CA ILE A 146 -14.89 21.40 6.58
C ILE A 146 -14.38 20.56 7.75
N ALA A 147 -15.22 20.33 8.77
CA ALA A 147 -14.75 19.57 9.93
C ALA A 147 -14.47 18.11 9.58
N ALA A 148 -15.29 17.50 8.71
CA ALA A 148 -15.16 16.07 8.47
C ALA A 148 -13.87 15.71 7.74
N PRO A 149 -13.51 16.34 6.61
CA PRO A 149 -12.24 15.97 5.95
C PRO A 149 -11.03 16.12 6.83
N ALA A 150 -10.93 17.25 7.56
CA ALA A 150 -9.80 17.47 8.45
C ALA A 150 -9.77 16.43 9.57
N LEU A 151 -10.92 16.14 10.18
CA LEU A 151 -10.93 15.17 11.27
C LEU A 151 -10.70 13.76 10.75
N TRP A 152 -11.11 13.52 9.51
CA TRP A 152 -10.84 12.24 8.87
C TRP A 152 -9.36 12.07 8.63
N GLN A 153 -8.73 13.12 8.08
CA GLN A 153 -7.27 13.13 7.93
C GLN A 153 -6.58 12.75 9.22
N VAL A 154 -6.98 13.35 10.33
CA VAL A 154 -6.34 13.07 11.60
C VAL A 154 -6.58 11.63 12.01
N THR A 155 -7.83 11.16 11.97
CA THR A 155 -8.11 9.81 12.45
C THR A 155 -7.55 8.76 11.49
N GLU A 156 -7.58 9.04 10.19
CA GLU A 156 -6.93 8.10 9.28
C GLU A 156 -5.44 8.13 9.45
N PHE A 157 -4.86 9.32 9.62
CA PHE A 157 -3.45 9.39 10.00
C PHE A 157 -3.19 8.58 11.27
N LEU A 158 -4.06 8.69 12.27
CA LEU A 158 -3.84 7.90 13.48
C LEU A 158 -3.93 6.40 13.21
N ARG A 159 -4.85 5.99 12.33
CA ARG A 159 -4.97 4.57 12.01
C ARG A 159 -3.69 4.05 11.34
N GLY A 160 -3.11 4.86 10.45
CA GLY A 160 -1.90 4.40 9.81
C GLY A 160 -0.62 4.63 10.58
N TRP A 161 -0.72 4.98 11.85
CA TRP A 161 0.48 5.32 12.61
C TRP A 161 0.60 4.59 13.95
N VAL A 162 -0.50 4.40 14.67
CA VAL A 162 -0.46 3.79 15.99
C VAL A 162 -0.06 2.33 15.88
N LEU A 163 0.83 1.90 16.77
CA LEU A 163 1.25 0.50 16.85
C LEU A 163 1.79 0.01 15.50
N THR A 164 2.60 0.85 14.85
CA THR A 164 3.18 0.64 13.53
C THR A 164 2.18 0.94 12.40
N GLY A 165 0.89 1.06 12.69
CA GLY A 165 -0.09 1.45 11.71
C GLY A 165 -0.48 0.43 10.66
N PHE A 166 -1.63 0.67 10.03
CA PHE A 166 -2.15 -0.19 8.96
C PHE A 166 -3.11 0.66 8.14
N PRO A 167 -2.59 1.46 7.21
CA PRO A 167 -3.46 2.39 6.46
C PRO A 167 -4.10 1.77 5.23
N TRP A 168 -4.56 0.53 5.35
CA TRP A 168 -5.17 -0.19 4.24
C TRP A 168 -6.59 0.29 4.00
N LEU A 169 -7.01 0.29 2.73
CA LEU A 169 -8.32 0.78 2.31
C LEU A 169 -8.47 2.28 2.62
N GLN A 170 -7.75 3.06 1.83
CA GLN A 170 -7.98 4.49 1.74
C GLN A 170 -8.59 4.79 0.37
N PHE A 171 -9.74 5.48 0.39
CA PHE A 171 -10.54 5.58 -0.83
C PHE A 171 -9.82 6.31 -1.96
N GLY A 172 -8.83 7.13 -1.64
CA GLY A 172 -8.06 7.78 -2.68
C GLY A 172 -7.42 6.79 -3.63
N TYR A 173 -7.06 5.62 -3.13
CA TYR A 173 -6.47 4.60 -4.00
C TYR A 173 -7.46 4.12 -5.06
N SER A 174 -8.77 4.24 -4.81
CA SER A 174 -9.73 3.82 -5.83
C SER A 174 -9.85 4.82 -6.97
N GLN A 175 -9.27 6.02 -6.83
CA GLN A 175 -9.31 7.01 -7.89
C GLN A 175 -8.13 6.90 -8.86
N ILE A 176 -7.41 5.77 -8.84
CA ILE A 176 -6.24 5.60 -9.69
C ILE A 176 -6.61 5.74 -11.17
N ASP A 177 -7.80 5.30 -11.56
CA ASP A 177 -8.29 5.49 -12.92
C ASP A 177 -9.49 6.42 -12.99
N GLY A 178 -9.94 6.97 -11.86
CA GLY A 178 -11.11 7.80 -11.81
C GLY A 178 -10.83 9.26 -12.14
N PRO A 179 -11.85 10.12 -11.98
CA PRO A 179 -11.69 11.53 -12.40
C PRO A 179 -10.80 12.34 -11.49
N LEU A 180 -10.53 11.86 -10.28
CA LEU A 180 -9.70 12.59 -9.34
C LEU A 180 -8.21 12.26 -9.46
N LYS A 181 -7.81 11.48 -10.46
CA LYS A 181 -6.44 10.97 -10.48
C LYS A 181 -5.41 12.07 -10.74
N GLY A 182 -5.77 13.15 -11.43
CA GLY A 182 -4.84 14.26 -11.60
C GLY A 182 -4.45 14.95 -10.31
N LEU A 183 -5.13 14.66 -9.20
CA LEU A 183 -4.85 15.32 -7.93
C LEU A 183 -3.66 14.70 -7.20
N ALA A 184 -3.37 13.42 -7.44
CA ALA A 184 -2.32 12.74 -6.68
C ALA A 184 -0.92 13.29 -6.96
N PRO A 185 -0.51 13.54 -8.21
CA PRO A 185 0.84 14.08 -8.43
C PRO A 185 1.07 15.42 -7.76
N ILE A 186 0.01 16.13 -7.35
CA ILE A 186 0.14 17.47 -6.80
C ILE A 186 0.10 17.46 -5.28
N MET A 187 -0.71 16.57 -4.68
CA MET A 187 -0.79 16.55 -3.23
C MET A 187 -0.84 15.13 -2.64
N GLY A 188 -0.69 14.10 -3.46
CA GLY A 188 -0.67 12.74 -2.97
C GLY A 188 -2.07 12.19 -2.70
N VAL A 189 -2.09 10.88 -2.43
CA VAL A 189 -3.34 10.14 -2.30
C VAL A 189 -4.21 10.69 -1.16
N GLU A 190 -3.61 11.15 -0.06
CA GLU A 190 -4.42 11.58 1.07
C GLU A 190 -5.20 12.85 0.77
N ALA A 191 -4.78 13.61 -0.22
CA ALA A 191 -5.59 14.74 -0.68
C ALA A 191 -6.85 14.23 -1.37
N ILE A 192 -6.75 13.12 -2.09
CA ILE A 192 -7.95 12.50 -2.66
C ILE A 192 -8.83 11.93 -1.56
N ASN A 193 -8.23 11.34 -0.52
CA ASN A 193 -9.03 10.97 0.64
C ASN A 193 -9.78 12.18 1.17
N PHE A 194 -9.11 13.34 1.22
CA PHE A 194 -9.70 14.57 1.74
C PHE A 194 -10.87 15.03 0.88
N LEU A 195 -10.65 15.16 -0.43
CA LEU A 195 -11.70 15.66 -1.32
C LEU A 195 -12.87 14.69 -1.43
N LEU A 196 -12.61 13.37 -1.52
CA LEU A 196 -13.71 12.40 -1.57
C LEU A 196 -14.57 12.50 -0.33
N MET A 197 -13.95 12.60 0.85
CA MET A 197 -14.73 12.78 2.08
C MET A 197 -15.56 14.05 2.01
N MET A 198 -15.04 15.08 1.34
CA MET A 198 -15.73 16.37 1.32
C MET A 198 -16.89 16.35 0.35
N VAL A 199 -16.63 15.91 -0.88
CA VAL A 199 -17.67 15.84 -1.90
C VAL A 199 -18.77 14.87 -1.47
N SER A 200 -18.41 13.78 -0.81
CA SER A 200 -19.40 12.86 -0.28
C SER A 200 -20.21 13.48 0.84
N GLY A 201 -19.63 14.41 1.59
CA GLY A 201 -20.39 15.05 2.64
C GLY A 201 -21.38 16.06 2.11
N LEU A 202 -21.07 16.71 0.99
CA LEU A 202 -22.01 17.65 0.41
C LEU A 202 -23.18 16.92 -0.22
N LEU A 203 -22.92 15.79 -0.88
CA LEU A 203 -24.00 14.96 -1.40
C LEU A 203 -24.90 14.48 -0.27
N ALA A 204 -24.30 13.99 0.82
CA ALA A 204 -25.10 13.54 1.96
C ALA A 204 -25.93 14.68 2.53
N LEU A 205 -25.37 15.89 2.60
CA LEU A 205 -26.15 17.03 3.05
C LEU A 205 -27.26 17.36 2.05
N ALA A 206 -26.97 17.21 0.77
CA ALA A 206 -27.95 17.56 -0.26
C ALA A 206 -29.17 16.66 -0.19
N LEU A 207 -29.02 15.39 0.21
CA LEU A 207 -30.16 14.51 0.35
C LEU A 207 -30.96 14.81 1.61
N VAL A 208 -30.32 14.74 2.76
CA VAL A 208 -31.04 14.81 4.03
C VAL A 208 -31.82 16.12 4.15
N LYS A 209 -31.26 17.22 3.65
CA LYS A 209 -31.92 18.51 3.69
C LYS A 209 -32.61 18.88 2.39
N ARG A 210 -32.56 18.01 1.38
CA ARG A 210 -33.23 18.22 0.09
C ARG A 210 -32.89 19.59 -0.49
N ASN A 211 -31.61 19.98 -0.36
CA ASN A 211 -31.10 21.25 -0.83
C ASN A 211 -30.19 21.01 -2.03
N TRP A 212 -30.30 21.87 -3.05
CA TRP A 212 -29.46 21.73 -4.22
C TRP A 212 -28.15 22.51 -4.12
N ARG A 213 -28.00 23.37 -3.10
CA ARG A 213 -26.74 24.06 -2.82
C ARG A 213 -25.60 23.06 -2.70
N PRO A 214 -25.66 22.09 -1.78
CA PRO A 214 -24.53 21.17 -1.65
C PRO A 214 -24.32 20.30 -2.88
N LEU A 215 -25.39 19.93 -3.58
CA LEU A 215 -25.24 19.11 -4.77
C LEU A 215 -24.40 19.82 -5.83
N VAL A 216 -24.72 21.08 -6.12
CA VAL A 216 -23.99 21.78 -7.17
C VAL A 216 -22.56 22.07 -6.72
N VAL A 217 -22.36 22.30 -5.42
CA VAL A 217 -20.99 22.50 -4.94
C VAL A 217 -20.22 21.18 -5.01
N ALA A 218 -20.86 20.06 -4.66
CA ALA A 218 -20.17 18.78 -4.71
C ALA A 218 -19.79 18.40 -6.13
N VAL A 219 -20.67 18.68 -7.10
CA VAL A 219 -20.34 18.27 -8.47
C VAL A 219 -19.24 19.15 -9.05
N VAL A 220 -19.14 20.41 -8.62
CA VAL A 220 -18.06 21.25 -9.16
C VAL A 220 -16.75 20.94 -8.46
N LEU A 221 -16.76 20.82 -7.12
CA LEU A 221 -15.57 20.38 -6.40
C LEU A 221 -15.05 19.05 -6.93
N PHE A 222 -15.96 18.17 -7.36
CA PHE A 222 -15.54 16.89 -7.90
C PHE A 222 -15.03 17.03 -9.34
N ALA A 223 -15.60 17.96 -10.10
CA ALA A 223 -15.25 18.04 -11.52
C ALA A 223 -14.05 18.93 -11.76
N LEU A 224 -13.81 19.88 -10.86
CA LEU A 224 -12.68 20.80 -11.03
C LEU A 224 -11.33 20.11 -11.16
N PRO A 225 -10.99 19.09 -10.37
CA PRO A 225 -9.69 18.43 -10.55
C PRO A 225 -9.61 17.50 -11.75
N PHE A 226 -10.61 17.47 -12.63
CA PHE A 226 -10.53 16.58 -13.78
C PHE A 226 -9.51 17.04 -14.84
N PRO A 227 -9.40 18.33 -15.14
CA PRO A 227 -8.37 18.73 -16.11
C PRO A 227 -6.94 18.49 -15.64
N LEU A 228 -6.75 18.27 -14.33
CA LEU A 228 -5.41 18.02 -13.80
C LEU A 228 -4.77 16.77 -14.40
N ARG A 229 -5.57 15.74 -14.69
CA ARG A 229 -5.02 14.48 -15.20
C ARG A 229 -4.25 14.65 -16.51
N TYR A 230 -4.33 15.82 -17.13
CA TYR A 230 -3.66 16.06 -18.41
C TYR A 230 -2.30 16.73 -18.27
N ILE A 231 -1.95 17.22 -17.08
CA ILE A 231 -0.62 17.79 -16.86
C ILE A 231 0.40 16.65 -16.80
N GLN A 232 1.40 16.70 -17.67
CA GLN A 232 2.52 15.76 -17.61
C GLN A 232 3.68 16.44 -16.91
N TRP A 233 3.92 16.06 -15.65
CA TRP A 233 5.01 16.62 -14.89
C TRP A 233 6.35 16.03 -15.26
N PHE A 234 6.37 15.01 -16.09
CA PHE A 234 7.56 14.23 -16.36
C PHE A 234 7.92 14.32 -17.83
N THR A 235 9.15 13.92 -18.14
CA THR A 235 9.63 13.89 -19.53
C THR A 235 10.26 12.52 -19.74
N PRO A 236 9.79 11.73 -20.68
CA PRO A 236 10.39 10.42 -20.91
C PRO A 236 11.76 10.54 -21.56
N GLN A 237 12.64 9.57 -21.23
CA GLN A 237 14.00 9.51 -21.73
C GLN A 237 14.12 8.29 -22.64
N PRO A 238 13.65 8.39 -23.89
CA PRO A 238 13.63 7.20 -24.77
C PRO A 238 15.02 6.71 -25.13
N GLU A 239 16.05 7.52 -24.95
CA GLU A 239 17.41 7.04 -25.20
C GLU A 239 17.81 6.01 -24.16
N LYS A 240 17.23 6.06 -22.96
CA LYS A 240 17.56 5.13 -21.89
C LYS A 240 16.65 3.88 -21.86
N THR A 241 15.87 3.63 -22.92
CA THR A 241 14.89 2.53 -22.92
C THR A 241 15.61 1.18 -22.91
N ILE A 242 15.21 0.29 -21.99
CA ILE A 242 15.84 -1.01 -21.85
C ILE A 242 14.82 -2.12 -21.94
N GLN A 243 15.33 -3.34 -22.08
CA GLN A 243 14.54 -4.54 -21.87
C GLN A 243 14.76 -5.01 -20.43
N VAL A 244 13.65 -5.20 -19.71
CA VAL A 244 13.68 -5.64 -18.32
C VAL A 244 12.99 -6.99 -18.23
N SER A 245 13.50 -7.85 -17.35
CA SER A 245 12.88 -9.13 -17.07
C SER A 245 12.64 -9.25 -15.57
N MET A 246 11.48 -9.78 -15.22
CA MET A 246 11.12 -10.05 -13.84
C MET A 246 10.68 -11.50 -13.80
N VAL A 247 11.35 -12.30 -12.98
CA VAL A 247 11.00 -13.73 -12.99
C VAL A 247 10.10 -14.04 -11.80
N GLN A 248 8.95 -14.60 -12.10
CA GLN A 248 7.93 -14.99 -11.12
C GLN A 248 8.18 -16.46 -10.80
N GLY A 249 9.02 -16.69 -9.79
CA GLY A 249 9.47 -18.04 -9.48
C GLY A 249 8.40 -18.99 -8.99
N ASP A 250 7.32 -18.44 -8.42
CA ASP A 250 6.18 -19.24 -7.97
C ASP A 250 6.60 -20.39 -7.04
N ILE A 251 7.37 -20.05 -6.02
CA ILE A 251 7.77 -20.97 -4.96
C ILE A 251 6.61 -21.10 -3.98
N PRO A 252 6.07 -22.29 -3.70
CA PRO A 252 4.93 -22.37 -2.78
C PRO A 252 5.33 -21.97 -1.37
N GLN A 253 4.49 -21.14 -0.74
CA GLN A 253 4.79 -20.60 0.57
C GLN A 253 5.12 -21.70 1.58
N SER A 254 4.42 -22.84 1.49
CA SER A 254 4.59 -23.89 2.48
C SER A 254 5.98 -24.51 2.43
N LEU A 255 6.63 -24.45 1.27
CA LEU A 255 7.97 -24.99 1.10
C LEU A 255 9.05 -23.91 1.07
N LYS A 256 8.67 -22.64 0.89
CA LYS A 256 9.62 -21.61 0.50
C LYS A 256 10.87 -21.60 1.38
N TRP A 257 10.69 -21.60 2.71
CA TRP A 257 11.79 -21.52 3.65
C TRP A 257 12.26 -22.89 4.14
N ASP A 258 11.73 -23.98 3.58
CA ASP A 258 12.25 -25.30 3.91
C ASP A 258 13.68 -25.41 3.39
N GLU A 259 14.56 -25.97 4.21
CA GLU A 259 15.95 -26.12 3.78
C GLU A 259 16.05 -26.95 2.49
N GLY A 260 15.26 -28.02 2.37
CA GLY A 260 15.29 -28.80 1.14
C GLY A 260 14.76 -28.11 -0.10
N GLN A 261 14.16 -26.93 0.04
CA GLN A 261 13.65 -26.19 -1.10
C GLN A 261 14.71 -25.36 -1.81
N LEU A 262 15.86 -25.14 -1.17
CA LEU A 262 16.76 -24.07 -1.61
C LEU A 262 17.36 -24.35 -2.97
N LEU A 263 17.90 -25.57 -3.17
CA LEU A 263 18.53 -25.90 -4.46
C LEU A 263 17.53 -25.80 -5.60
N ASN A 264 16.29 -26.23 -5.38
CA ASN A 264 15.27 -26.08 -6.42
C ASN A 264 15.01 -24.60 -6.72
N THR A 265 14.85 -23.79 -5.67
CA THR A 265 14.63 -22.36 -5.87
C THR A 265 15.80 -21.72 -6.63
N LEU A 266 17.03 -22.06 -6.26
CA LEU A 266 18.18 -21.49 -6.96
C LEU A 266 18.21 -21.92 -8.42
N LYS A 267 17.82 -23.18 -8.69
CA LYS A 267 17.78 -23.68 -10.06
C LYS A 267 16.69 -22.99 -10.88
N ILE A 268 15.48 -22.84 -10.29
CA ILE A 268 14.41 -22.14 -10.98
C ILE A 268 14.86 -20.73 -11.37
N TYR A 269 15.35 -19.96 -10.40
CA TYR A 269 15.71 -18.57 -10.68
C TYR A 269 16.91 -18.49 -11.63
N TYR A 270 17.91 -19.35 -11.45
CA TYR A 270 19.07 -19.29 -12.32
C TYR A 270 18.71 -19.69 -13.75
N ASN A 271 18.06 -20.84 -13.94
CA ASN A 271 17.70 -21.31 -15.28
C ASN A 271 16.84 -20.28 -16.02
N ALA A 272 15.96 -19.57 -15.33
CA ALA A 272 15.18 -18.55 -16.03
C ALA A 272 16.03 -17.35 -16.43
N THR A 273 17.16 -17.10 -15.73
CA THR A 273 17.95 -15.89 -15.94
C THR A 273 19.02 -16.05 -17.00
N ALA A 274 19.78 -17.15 -16.95
CA ALA A 274 20.87 -17.35 -17.91
C ALA A 274 20.51 -17.10 -19.38
N PRO A 275 19.40 -17.63 -19.94
CA PRO A 275 19.07 -17.30 -21.34
C PRO A 275 18.74 -15.83 -21.60
N LEU A 276 18.35 -15.06 -20.58
CA LEU A 276 18.08 -13.65 -20.79
C LEU A 276 19.33 -12.78 -20.66
N MET A 277 20.42 -13.32 -20.12
CA MET A 277 21.66 -12.56 -20.05
C MET A 277 22.13 -12.20 -21.45
N GLY A 278 22.53 -10.95 -21.63
CA GLY A 278 22.81 -10.44 -22.95
C GLY A 278 21.60 -9.95 -23.73
N LYS A 279 20.39 -10.22 -23.25
CA LYS A 279 19.18 -9.69 -23.87
C LYS A 279 18.44 -8.72 -22.97
N SER A 280 18.25 -9.04 -21.70
CA SER A 280 17.64 -8.12 -20.76
C SER A 280 18.74 -7.40 -20.00
N SER A 281 18.79 -6.06 -20.10
CA SER A 281 19.79 -5.30 -19.36
C SER A 281 19.59 -5.47 -17.87
N LEU A 282 18.35 -5.53 -17.43
CA LEU A 282 18.03 -5.59 -16.01
C LEU A 282 17.15 -6.80 -15.78
N ILE A 283 17.49 -7.61 -14.78
CA ILE A 283 16.69 -8.77 -14.39
C ILE A 283 16.40 -8.66 -12.92
N ILE A 284 15.17 -9.01 -12.51
CA ILE A 284 14.74 -8.81 -11.12
C ILE A 284 14.15 -10.09 -10.56
N TRP A 285 14.60 -10.45 -9.37
CA TRP A 285 13.94 -11.53 -8.65
C TRP A 285 13.24 -10.99 -7.42
N PRO A 286 12.12 -11.59 -6.99
CA PRO A 286 11.28 -10.95 -5.97
C PRO A 286 11.82 -11.01 -4.55
N GLU A 287 10.99 -10.53 -3.61
CA GLU A 287 11.32 -10.48 -2.19
C GLU A 287 11.90 -11.80 -1.69
N SER A 288 13.05 -11.72 -1.00
CA SER A 288 13.77 -12.87 -0.44
C SER A 288 13.74 -14.06 -1.39
N ALA A 289 13.93 -13.81 -2.69
CA ALA A 289 13.94 -14.92 -3.65
C ALA A 289 15.01 -15.95 -3.29
N ILE A 290 16.18 -15.47 -2.88
CA ILE A 290 17.26 -16.35 -2.43
C ILE A 290 17.06 -16.60 -0.94
N THR A 291 16.48 -17.75 -0.59
CA THR A 291 16.04 -18.01 0.78
C THR A 291 17.16 -18.63 1.62
N ASP A 292 18.26 -17.89 1.72
CA ASP A 292 19.41 -18.31 2.49
C ASP A 292 20.20 -17.04 2.84
N LEU A 293 21.01 -17.13 3.90
CA LEU A 293 21.80 -15.96 4.31
C LEU A 293 22.84 -15.62 3.27
N GLU A 294 22.91 -14.35 2.88
CA GLU A 294 23.84 -13.93 1.83
C GLU A 294 25.25 -14.49 2.03
N ILE A 295 25.72 -14.56 3.29
CA ILE A 295 27.08 -15.03 3.55
C ILE A 295 27.25 -16.52 3.25
N ASN A 296 26.16 -17.28 3.20
CA ASN A 296 26.23 -18.70 2.88
C ASN A 296 26.18 -18.99 1.39
N GLN A 297 26.10 -17.97 0.54
CA GLN A 297 25.87 -18.18 -0.88
C GLN A 297 26.91 -17.49 -1.73
N GLN A 298 28.10 -17.28 -1.19
CA GLN A 298 29.13 -16.53 -1.89
C GLN A 298 29.63 -17.19 -3.17
N PRO A 299 29.87 -18.51 -3.22
CA PRO A 299 30.25 -19.10 -4.52
C PRO A 299 29.17 -18.92 -5.57
N PHE A 300 27.91 -19.14 -5.21
CA PHE A 300 26.81 -18.91 -6.16
C PHE A 300 26.79 -17.46 -6.62
N LEU A 301 26.73 -16.52 -5.67
CA LEU A 301 26.60 -15.11 -6.04
C LEU A 301 27.79 -14.62 -6.87
N LYS A 302 29.01 -15.01 -6.50
CA LYS A 302 30.17 -14.60 -7.27
C LYS A 302 30.12 -15.17 -8.69
N ALA A 303 29.88 -16.48 -8.81
CA ALA A 303 29.81 -17.07 -10.14
C ALA A 303 28.70 -16.41 -10.96
N LEU A 304 27.55 -16.15 -10.33
CA LEU A 304 26.45 -15.51 -11.02
C LEU A 304 26.82 -14.11 -11.51
N ASP A 305 27.50 -13.33 -10.64
CA ASP A 305 27.88 -11.96 -10.96
C ASP A 305 28.85 -11.90 -12.14
N GLY A 306 29.84 -12.78 -12.17
CA GLY A 306 30.72 -12.82 -13.32
C GLY A 306 29.99 -13.18 -14.60
N GLU A 307 29.06 -14.13 -14.51
CA GLU A 307 28.28 -14.53 -15.68
C GLU A 307 27.46 -13.37 -16.22
N LEU A 308 26.85 -12.58 -15.33
CA LEU A 308 26.08 -11.42 -15.76
C LEU A 308 26.96 -10.36 -16.43
N ARG A 309 28.16 -10.13 -15.89
CA ARG A 309 29.00 -9.05 -16.42
C ARG A 309 29.55 -9.40 -17.81
N ASP A 310 29.94 -10.66 -18.02
CA ASP A 310 30.38 -11.08 -19.36
C ASP A 310 29.33 -10.79 -20.42
N LYS A 311 28.04 -10.89 -20.08
CA LYS A 311 26.97 -10.72 -21.05
C LYS A 311 26.38 -9.31 -21.07
N GLY A 312 26.70 -8.48 -20.08
CA GLY A 312 26.22 -7.12 -20.08
C GLY A 312 24.88 -6.93 -19.40
N SER A 313 24.56 -7.73 -18.39
CA SER A 313 23.27 -7.67 -17.71
C SER A 313 23.47 -7.47 -16.21
N SER A 314 22.47 -6.86 -15.57
CA SER A 314 22.47 -6.66 -14.12
C SER A 314 21.28 -7.38 -13.51
N LEU A 315 21.46 -7.86 -12.29
CA LEU A 315 20.41 -8.55 -11.53
C LEU A 315 20.19 -7.84 -10.20
N VAL A 316 18.93 -7.58 -9.86
CA VAL A 316 18.53 -7.22 -8.50
C VAL A 316 17.65 -8.35 -7.98
N THR A 317 17.92 -8.80 -6.75
CA THR A 317 17.18 -9.93 -6.19
C THR A 317 17.02 -9.76 -4.68
N GLY A 318 15.90 -10.22 -4.16
CA GLY A 318 15.74 -10.29 -2.72
C GLY A 318 16.59 -11.39 -2.14
N ILE A 319 16.96 -11.21 -0.86
CA ILE A 319 17.79 -12.17 -0.15
C ILE A 319 17.70 -11.85 1.33
N VAL A 320 18.09 -12.78 2.17
CA VAL A 320 18.16 -12.54 3.60
C VAL A 320 19.63 -12.33 4.00
N ASP A 321 19.88 -11.35 4.87
CA ASP A 321 21.25 -11.04 5.26
C ASP A 321 21.34 -10.76 6.76
N ALA A 322 22.06 -11.62 7.48
CA ALA A 322 22.37 -11.43 8.90
C ALA A 322 23.75 -10.80 9.02
N ARG A 323 23.81 -9.63 9.63
CA ARG A 323 25.03 -8.84 9.60
C ARG A 323 25.43 -8.39 11.01
N LEU A 324 26.73 -8.46 11.29
CA LEU A 324 27.24 -8.22 12.63
C LEU A 324 27.24 -6.73 12.97
N ASN A 325 26.68 -6.38 14.12
CA ASN A 325 26.49 -5.00 14.50
C ASN A 325 27.60 -4.52 15.44
N LYS A 326 27.42 -3.33 16.01
CA LYS A 326 28.44 -2.77 16.89
C LYS A 326 28.62 -3.60 18.15
N GLN A 327 27.53 -4.06 18.74
CA GLN A 327 27.54 -4.78 20.01
C GLN A 327 27.80 -6.27 19.85
N ASN A 328 28.41 -6.68 18.75
CA ASN A 328 28.74 -8.09 18.46
C ASN A 328 27.52 -9.01 18.54
N ARG A 329 26.44 -8.58 17.89
CA ARG A 329 25.28 -9.42 17.66
C ARG A 329 24.86 -9.30 16.20
N TYR A 330 23.99 -10.20 15.77
CA TYR A 330 23.57 -10.25 14.37
C TYR A 330 22.21 -9.60 14.20
N ASP A 331 22.14 -8.65 13.28
CA ASP A 331 20.87 -8.12 12.75
C ASP A 331 20.59 -8.81 11.41
N THR A 332 19.49 -9.55 11.35
CA THR A 332 19.06 -10.16 10.11
C THR A 332 18.13 -9.23 9.37
N TYR A 333 18.49 -8.91 8.12
CA TYR A 333 17.70 -8.01 7.30
C TYR A 333 17.01 -8.75 6.15
N ASN A 334 15.84 -8.24 5.76
CA ASN A 334 15.17 -8.60 4.53
C ASN A 334 15.68 -7.61 3.48
N THR A 335 16.51 -8.09 2.54
CA THR A 335 17.34 -7.17 1.77
C THR A 335 17.28 -7.46 0.27
N ILE A 336 17.55 -6.42 -0.53
CA ILE A 336 17.77 -6.52 -1.98
C ILE A 336 19.27 -6.35 -2.23
N ILE A 337 19.84 -7.17 -3.12
CA ILE A 337 21.22 -6.98 -3.56
C ILE A 337 21.25 -6.88 -5.08
N THR A 338 22.37 -6.35 -5.57
CA THR A 338 22.54 -6.11 -7.01
C THR A 338 23.81 -6.80 -7.50
N LEU A 339 23.80 -7.18 -8.78
CA LEU A 339 24.91 -7.94 -9.34
C LEU A 339 25.07 -7.61 -10.82
N GLY A 340 26.25 -7.89 -11.36
CA GLY A 340 26.45 -7.84 -12.79
C GLY A 340 26.97 -6.51 -13.29
N LYS A 341 26.63 -6.16 -14.54
CA LYS A 341 27.20 -4.96 -15.15
C LYS A 341 26.79 -3.71 -14.39
N GLY A 342 27.77 -2.85 -14.12
CA GLY A 342 27.50 -1.58 -13.49
C GLY A 342 27.04 -1.73 -12.06
N ALA A 343 27.21 -2.93 -11.51
CA ALA A 343 26.84 -3.22 -10.14
C ALA A 343 27.58 -4.46 -9.65
N PRO A 344 28.92 -4.47 -9.69
CA PRO A 344 29.66 -5.70 -9.34
C PRO A 344 29.35 -6.17 -7.93
N TYR A 345 29.09 -7.47 -7.80
CA TYR A 345 28.67 -7.99 -6.51
C TYR A 345 29.83 -8.04 -5.53
N SER A 346 29.55 -7.71 -4.28
CA SER A 346 30.48 -7.93 -3.19
C SER A 346 29.67 -8.01 -1.90
N TYR A 347 30.12 -8.86 -0.96
CA TYR A 347 29.52 -8.76 0.36
C TYR A 347 29.76 -7.39 1.00
N GLU A 348 30.79 -6.66 0.56
CA GLU A 348 31.11 -5.35 1.09
C GLU A 348 30.53 -4.22 0.25
N SER A 349 29.70 -4.53 -0.73
CA SER A 349 29.09 -3.53 -1.58
C SER A 349 27.97 -2.81 -0.86
N ALA A 350 27.82 -1.52 -1.18
CA ALA A 350 26.76 -0.70 -0.63
C ALA A 350 25.53 -0.62 -1.53
N ASP A 351 25.56 -1.29 -2.69
CA ASP A 351 24.44 -1.34 -3.64
C ASP A 351 23.43 -2.37 -3.14
N ARG A 352 22.66 -1.96 -2.14
CA ARG A 352 21.75 -2.88 -1.47
C ARG A 352 20.74 -2.06 -0.68
N TYR A 353 19.63 -2.71 -0.31
CA TYR A 353 18.54 -2.06 0.42
C TYR A 353 18.06 -3.02 1.51
N ASN A 354 17.86 -2.51 2.73
CA ASN A 354 17.34 -3.32 3.82
C ASN A 354 15.94 -2.84 4.18
N LYS A 355 14.97 -3.76 4.14
CA LYS A 355 13.59 -3.43 4.49
C LYS A 355 13.56 -2.66 5.79
N ASN A 356 12.87 -1.53 5.77
CA ASN A 356 12.74 -0.69 6.95
C ASN A 356 11.43 -0.96 7.70
N HIS A 357 10.30 -1.00 7.00
CA HIS A 357 9.02 -1.15 7.67
C HIS A 357 8.62 -2.62 7.63
N LEU A 358 8.73 -3.29 8.77
CA LEU A 358 8.47 -4.70 8.89
C LEU A 358 7.00 -4.97 9.17
N VAL A 359 6.48 -6.04 8.59
CA VAL A 359 5.08 -6.43 8.79
C VAL A 359 4.95 -7.08 10.16
N PRO A 360 3.99 -6.66 10.98
CA PRO A 360 3.79 -7.32 12.29
C PRO A 360 3.38 -8.78 12.15
N PHE A 361 3.93 -9.61 13.03
CA PHE A 361 3.69 -11.05 13.22
C PHE A 361 4.27 -11.90 12.09
N GLY A 362 4.61 -11.29 10.97
CA GLY A 362 5.13 -12.04 9.85
C GLY A 362 6.62 -11.84 9.78
N GLU A 363 7.07 -10.63 10.13
CA GLU A 363 8.48 -10.27 10.10
C GLU A 363 9.06 -9.93 11.47
N PHE A 364 8.21 -9.67 12.48
CA PHE A 364 8.63 -9.52 13.86
C PHE A 364 7.41 -9.78 14.75
N VAL A 365 7.66 -10.27 15.96
CA VAL A 365 6.57 -10.62 16.87
C VAL A 365 6.62 -9.71 18.10
N PRO A 366 5.68 -8.77 18.26
CA PRO A 366 5.68 -7.92 19.45
C PRO A 366 5.42 -8.75 20.69
N LEU A 367 5.99 -8.31 21.81
CA LEU A 367 6.05 -9.10 23.03
C LEU A 367 6.53 -10.51 22.72
N GLU A 368 7.75 -10.56 22.17
CA GLU A 368 8.31 -11.79 21.62
C GLU A 368 8.30 -12.93 22.64
N SER A 369 8.68 -12.64 23.88
CA SER A 369 8.80 -13.69 24.89
C SER A 369 7.44 -14.27 25.28
N ILE A 370 6.38 -13.45 25.19
CA ILE A 370 5.05 -13.92 25.57
C ILE A 370 4.40 -14.69 24.43
N LEU A 371 4.52 -14.19 23.19
CA LEU A 371 3.74 -14.67 22.06
C LEU A 371 4.42 -15.73 21.21
N ARG A 372 5.76 -15.79 21.19
CA ARG A 372 6.45 -16.70 20.27
C ARG A 372 6.07 -18.16 20.45
N PRO A 373 6.04 -18.74 21.66
CA PRO A 373 5.72 -20.16 21.78
C PRO A 373 4.24 -20.50 21.73
N LEU A 374 3.34 -19.51 21.58
CA LEU A 374 1.90 -19.80 21.63
C LEU A 374 1.48 -20.69 20.46
N ALA A 375 1.72 -20.25 19.23
CA ALA A 375 1.27 -20.98 18.05
C ALA A 375 2.23 -20.70 16.92
N PRO A 376 2.33 -21.60 15.92
CA PRO A 376 3.21 -21.36 14.78
C PRO A 376 2.95 -20.04 14.07
N PHE A 377 1.72 -19.52 14.20
CA PHE A 377 1.42 -18.20 13.65
C PHE A 377 2.33 -17.13 14.24
N PHE A 378 2.65 -17.24 15.52
CA PHE A 378 3.54 -16.29 16.17
C PHE A 378 5.00 -16.74 16.14
N ASP A 379 5.33 -17.76 15.35
CA ASP A 379 6.71 -18.19 15.18
C ASP A 379 6.96 -18.59 13.74
N LEU A 380 6.46 -17.79 12.80
CA LEU A 380 6.63 -18.10 11.39
C LEU A 380 8.12 -18.14 11.04
N PRO A 381 8.51 -18.95 10.05
CA PRO A 381 9.91 -18.92 9.61
C PRO A 381 10.30 -17.49 9.26
N MET A 382 11.51 -17.11 9.68
CA MET A 382 12.07 -15.81 9.37
C MET A 382 11.15 -14.67 9.84
N SER A 383 10.79 -14.73 11.12
CA SER A 383 9.99 -13.68 11.75
C SER A 383 10.79 -12.91 12.80
N SER A 384 12.09 -12.74 12.59
CA SER A 384 13.00 -12.12 13.54
C SER A 384 13.91 -11.13 12.85
N PHE A 385 13.33 -10.26 12.04
CA PHE A 385 14.10 -9.32 11.22
C PHE A 385 14.39 -8.03 11.99
N SER A 386 15.44 -7.34 11.57
CA SER A 386 15.72 -5.98 12.03
C SER A 386 15.34 -4.98 10.93
N ARG A 387 15.32 -3.71 11.31
CA ARG A 387 14.86 -2.65 10.41
C ARG A 387 16.06 -1.90 9.86
N GLY A 388 16.10 -1.72 8.55
CA GLY A 388 17.07 -0.85 7.93
C GLY A 388 16.69 0.61 8.13
N PRO A 389 17.56 1.50 7.63
CA PRO A 389 17.30 2.93 7.82
C PRO A 389 16.05 3.39 7.09
N TYR A 390 15.40 4.40 7.68
CA TYR A 390 14.21 4.98 7.07
C TYR A 390 14.51 5.56 5.68
N ILE A 391 15.66 6.20 5.50
CA ILE A 391 16.09 6.68 4.18
C ILE A 391 17.31 5.89 3.73
N GLN A 392 17.29 5.40 2.50
CA GLN A 392 18.42 4.67 1.93
C GLN A 392 18.64 5.15 0.50
N PRO A 393 19.88 5.23 0.04
CA PRO A 393 20.13 5.67 -1.35
C PRO A 393 19.52 4.72 -2.35
N PRO A 394 19.32 5.17 -3.59
CA PRO A 394 18.81 4.30 -4.65
C PRO A 394 19.74 3.13 -4.93
N LEU A 395 19.16 2.04 -5.42
CA LEU A 395 19.96 0.98 -6.02
C LEU A 395 20.48 1.45 -7.36
N SER A 396 21.60 0.88 -7.78
CA SER A 396 22.31 1.33 -8.97
C SER A 396 22.69 0.13 -9.82
N ALA A 397 22.32 0.15 -11.08
CA ALA A 397 22.58 -0.98 -11.96
C ALA A 397 22.70 -0.47 -13.38
N ASN A 398 23.80 -0.81 -14.06
CA ASN A 398 24.00 -0.48 -15.47
C ASN A 398 24.11 1.04 -15.64
N GLY A 399 23.95 1.79 -14.57
CA GLY A 399 23.69 3.22 -14.67
C GLY A 399 22.25 3.62 -14.42
N ILE A 400 21.39 2.70 -13.97
CA ILE A 400 20.00 2.97 -13.68
C ILE A 400 19.85 3.20 -12.17
N GLU A 401 19.12 4.24 -11.82
CA GLU A 401 18.82 4.53 -10.42
C GLU A 401 17.42 4.00 -10.08
N LEU A 402 17.36 3.10 -9.11
CA LEU A 402 16.12 2.44 -8.70
C LEU A 402 15.81 2.76 -7.25
N THR A 403 14.71 3.48 -7.01
CA THR A 403 14.21 3.69 -5.64
C THR A 403 13.43 2.46 -5.21
N ALA A 404 13.86 1.83 -4.14
CA ALA A 404 13.34 0.51 -3.76
C ALA A 404 12.39 0.63 -2.59
N ALA A 405 11.32 -0.18 -2.63
CA ALA A 405 10.49 -0.43 -1.45
C ALA A 405 10.16 -1.91 -1.46
N ILE A 406 10.26 -2.55 -0.32
CA ILE A 406 9.98 -4.00 -0.30
C ILE A 406 8.55 -4.26 0.15
N ALA A 407 7.81 -4.92 -0.72
CA ALA A 407 6.43 -5.36 -0.46
C ALA A 407 5.59 -4.26 0.18
N TYR A 408 5.14 -4.53 1.39
CA TYR A 408 4.28 -3.63 2.17
C TYR A 408 4.76 -2.19 2.13
N GLU A 409 6.07 -1.95 2.07
CA GLU A 409 6.52 -0.57 2.14
C GLU A 409 5.98 0.29 1.00
N ILE A 410 5.62 -0.32 -0.13
CA ILE A 410 5.18 0.44 -1.29
C ILE A 410 3.85 1.16 -1.03
N ILE A 411 3.09 0.72 -0.01
CA ILE A 411 1.85 1.42 0.32
C ILE A 411 2.08 2.66 1.18
N LEU A 412 3.30 2.85 1.69
CA LEU A 412 3.62 4.01 2.54
C LEU A 412 4.07 5.15 1.65
N GLY A 413 3.11 5.97 1.22
CA GLY A 413 3.38 6.95 0.18
C GLY A 413 4.40 8.02 0.58
N GLU A 414 4.36 8.48 1.82
CA GLU A 414 5.32 9.50 2.23
C GLU A 414 6.73 8.91 2.34
N GLN A 415 6.85 7.72 2.93
CA GLN A 415 8.15 7.07 3.02
C GLN A 415 8.75 6.82 1.64
N VAL A 416 7.94 6.37 0.68
CA VAL A 416 8.45 6.20 -0.67
C VAL A 416 8.92 7.54 -1.23
N ARG A 417 8.08 8.57 -1.07
CA ARG A 417 8.41 9.87 -1.62
C ARG A 417 9.70 10.42 -0.99
N ASP A 418 9.96 10.11 0.28
CA ASP A 418 11.15 10.62 0.95
C ASP A 418 12.42 9.93 0.50
N ASN A 419 12.31 8.69 0.02
CA ASN A 419 13.49 8.03 -0.54
C ASN A 419 13.68 8.37 -1.99
N PHE A 420 12.62 8.81 -2.66
CA PHE A 420 12.71 9.23 -4.05
C PHE A 420 13.79 10.29 -4.24
N ARG A 421 14.45 10.26 -5.39
CA ARG A 421 15.46 11.23 -5.76
C ARG A 421 15.16 11.78 -7.14
N PRO A 422 15.57 13.00 -7.44
CA PRO A 422 15.39 13.53 -8.80
C PRO A 422 16.03 12.67 -9.88
N ASP A 423 17.15 12.01 -9.60
CA ASP A 423 17.79 11.21 -10.64
C ASP A 423 17.35 9.75 -10.62
N THR A 424 16.35 9.41 -9.78
CA THR A 424 15.68 8.11 -9.84
C THR A 424 15.08 7.87 -11.23
N ASP A 425 15.41 6.73 -11.82
CA ASP A 425 14.89 6.37 -13.13
C ASP A 425 13.63 5.52 -13.04
N TYR A 426 13.58 4.59 -12.09
CA TYR A 426 12.40 3.78 -11.88
C TYR A 426 12.18 3.58 -10.39
N LEU A 427 10.91 3.39 -10.03
CA LEU A 427 10.58 2.82 -8.73
C LEU A 427 10.67 1.31 -8.86
N LEU A 428 11.08 0.65 -7.78
CA LEU A 428 11.25 -0.80 -7.74
C LEU A 428 10.55 -1.32 -6.51
N THR A 429 9.72 -2.34 -6.66
CA THR A 429 9.22 -3.01 -5.48
C THR A 429 9.21 -4.50 -5.74
N ILE A 430 9.63 -5.28 -4.75
CA ILE A 430 9.64 -6.72 -4.88
C ILE A 430 8.87 -7.27 -3.69
N SER A 431 8.08 -8.31 -3.93
CA SER A 431 7.10 -8.72 -2.93
C SER A 431 6.85 -10.21 -3.02
N ASN A 432 6.39 -10.77 -1.90
CA ASN A 432 5.92 -12.14 -1.85
C ASN A 432 4.51 -12.13 -1.26
N ASP A 433 3.49 -12.22 -2.12
CA ASP A 433 2.10 -12.18 -1.69
C ASP A 433 1.46 -13.57 -1.60
N ALA A 434 2.24 -14.63 -1.72
CA ALA A 434 1.70 -15.99 -1.67
C ALA A 434 0.97 -16.28 -0.37
N TRP A 435 1.27 -15.56 0.70
CA TRP A 435 0.56 -15.77 1.97
C TRP A 435 -0.95 -15.68 1.80
N PHE A 436 -1.42 -14.88 0.85
CA PHE A 436 -2.81 -14.47 0.79
C PHE A 436 -3.61 -15.22 -0.28
N GLY A 437 -3.04 -16.27 -0.86
CA GLY A 437 -3.77 -17.16 -1.74
C GLY A 437 -4.42 -16.43 -2.91
N LYS A 438 -5.60 -16.90 -3.31
CA LYS A 438 -6.34 -16.31 -4.41
C LYS A 438 -7.32 -15.24 -3.95
N SER A 439 -7.04 -14.56 -2.83
CA SER A 439 -7.93 -13.56 -2.29
C SER A 439 -7.76 -12.22 -3.00
N ILE A 440 -8.49 -11.20 -2.53
CA ILE A 440 -8.43 -9.86 -3.10
C ILE A 440 -7.27 -9.02 -2.54
N GLY A 441 -6.56 -9.54 -1.53
CA GLY A 441 -5.46 -8.82 -0.91
C GLY A 441 -4.34 -8.41 -1.87
N PRO A 442 -3.78 -9.37 -2.59
CA PRO A 442 -2.79 -9.02 -3.63
C PRO A 442 -3.26 -7.93 -4.59
N TRP A 443 -4.55 -7.86 -4.93
CA TRP A 443 -5.02 -6.82 -5.84
C TRP A 443 -5.10 -5.46 -5.15
N GLN A 444 -5.57 -5.44 -3.90
CA GLN A 444 -5.54 -4.22 -3.12
C GLN A 444 -4.11 -3.71 -3.00
N HIS A 445 -3.19 -4.59 -2.61
CA HIS A 445 -1.77 -4.27 -2.52
C HIS A 445 -1.26 -3.72 -3.84
N PHE A 446 -1.55 -4.43 -4.93
CA PHE A 446 -1.09 -4.02 -6.26
C PHE A 446 -1.62 -2.64 -6.63
N GLN A 447 -2.87 -2.35 -6.25
CA GLN A 447 -3.49 -1.08 -6.63
C GLN A 447 -2.80 0.08 -5.92
N MET A 448 -2.48 -0.10 -4.65
CA MET A 448 -1.80 0.95 -3.91
C MET A 448 -0.40 1.20 -4.47
N ALA A 449 0.28 0.12 -4.89
CA ALA A 449 1.56 0.28 -5.56
C ALA A 449 1.45 1.23 -6.74
N ARG A 450 0.38 1.10 -7.52
CA ARG A 450 0.20 1.95 -8.70
C ARG A 450 0.13 3.42 -8.35
N MET A 451 -0.39 3.75 -7.16
CA MET A 451 -0.47 5.16 -6.75
C MET A 451 0.92 5.79 -6.62
N ARG A 452 1.95 5.01 -6.25
CA ARG A 452 3.28 5.60 -6.09
C ARG A 452 3.84 6.06 -7.43
N ALA A 453 3.61 5.26 -8.48
CA ALA A 453 4.08 5.63 -9.81
C ALA A 453 3.37 6.87 -10.32
N LEU A 454 2.10 7.06 -9.96
CA LEU A 454 1.37 8.26 -10.38
C LEU A 454 1.82 9.47 -9.58
N GLU A 455 1.96 9.31 -8.27
CA GLU A 455 2.37 10.41 -7.40
C GLU A 455 3.73 10.99 -7.81
N LEU A 456 4.65 10.14 -8.29
CA LEU A 456 6.04 10.54 -8.52
C LEU A 456 6.43 10.56 -9.99
N ALA A 457 5.52 10.19 -10.90
CA ALA A 457 5.76 10.25 -12.34
C ALA A 457 6.99 9.47 -12.77
N ARG A 458 7.14 8.27 -12.23
CA ARG A 458 8.16 7.32 -12.67
C ARG A 458 7.48 5.98 -12.93
N PRO A 459 8.00 5.20 -13.88
CA PRO A 459 7.54 3.81 -13.99
C PRO A 459 7.90 3.03 -12.74
N LEU A 460 7.12 1.99 -12.46
CA LEU A 460 7.35 1.12 -11.33
C LEU A 460 7.51 -0.31 -11.82
N LEU A 461 8.60 -0.95 -11.40
CA LEU A 461 8.82 -2.37 -11.69
C LEU A 461 8.40 -3.16 -10.48
N ARG A 462 7.41 -4.05 -10.64
CA ARG A 462 6.95 -4.88 -9.52
C ARG A 462 7.26 -6.33 -9.81
N SER A 463 8.23 -6.88 -9.08
CA SER A 463 8.61 -8.27 -9.21
C SER A 463 8.05 -9.01 -8.00
N THR A 464 7.26 -10.06 -8.23
CA THR A 464 6.64 -10.83 -7.15
C THR A 464 6.92 -12.31 -7.33
N ASN A 465 6.74 -13.05 -6.23
CA ASN A 465 6.92 -14.51 -6.22
C ASN A 465 5.84 -15.21 -7.05
N ASN A 466 4.58 -14.94 -6.73
CA ASN A 466 3.43 -15.32 -7.54
C ASN A 466 2.39 -14.21 -7.59
N GLY A 467 2.63 -13.09 -6.85
CA GLY A 467 1.69 -11.98 -6.69
C GLY A 467 1.63 -11.24 -8.00
N ILE A 468 1.06 -10.03 -7.97
CA ILE A 468 0.93 -9.42 -9.29
C ILE A 468 2.26 -8.76 -9.68
N THR A 469 2.93 -9.42 -10.63
CA THR A 469 4.14 -8.98 -11.28
C THR A 469 3.77 -8.09 -12.47
N ALA A 470 4.28 -6.85 -12.49
CA ALA A 470 3.85 -5.96 -13.56
C ALA A 470 4.82 -4.80 -13.69
N VAL A 471 4.72 -4.11 -14.83
CA VAL A 471 5.37 -2.82 -15.02
C VAL A 471 4.28 -1.76 -15.10
N ILE A 472 4.40 -0.74 -14.27
CA ILE A 472 3.43 0.34 -14.17
C ILE A 472 4.05 1.61 -14.77
N GLY A 473 3.30 2.31 -15.63
CA GLY A 473 3.79 3.50 -16.29
C GLY A 473 3.74 4.70 -15.37
N PRO A 474 4.34 5.80 -15.82
CA PRO A 474 4.48 7.00 -14.97
C PRO A 474 3.18 7.72 -14.64
N GLN A 475 2.04 7.29 -15.19
CA GLN A 475 0.75 7.85 -14.80
C GLN A 475 -0.15 6.80 -14.15
N GLY A 476 0.41 5.67 -13.70
CA GLY A 476 -0.35 4.66 -13.01
C GLY A 476 -0.88 3.55 -13.90
N GLU A 477 -0.75 3.69 -15.22
CA GLU A 477 -1.29 2.70 -16.14
C GLU A 477 -0.50 1.40 -16.06
N ILE A 478 -1.16 0.31 -16.40
CA ILE A 478 -0.49 -0.99 -16.44
C ILE A 478 0.12 -1.15 -17.83
N GLN A 479 1.44 -1.06 -17.91
CA GLN A 479 2.07 -1.26 -19.22
C GLN A 479 2.14 -2.74 -19.57
N ALA A 480 2.42 -3.59 -18.59
CA ALA A 480 2.55 -5.01 -18.84
C ALA A 480 2.25 -5.75 -17.54
N MET A 481 1.73 -6.98 -17.64
CA MET A 481 1.63 -7.83 -16.46
C MET A 481 1.46 -9.27 -16.92
N ILE A 482 1.84 -10.19 -16.05
CA ILE A 482 1.73 -11.62 -16.32
C ILE A 482 0.68 -12.13 -15.34
N PRO A 483 0.05 -13.27 -15.58
CA PRO A 483 -0.98 -13.74 -14.64
C PRO A 483 -0.37 -14.26 -13.35
N GLN A 484 -1.22 -14.33 -12.32
CA GLN A 484 -0.82 -14.87 -11.03
C GLN A 484 -0.63 -16.38 -11.09
N PHE A 485 0.00 -16.92 -10.06
CA PHE A 485 0.04 -18.35 -9.79
C PHE A 485 0.73 -19.14 -10.90
N THR A 486 1.61 -18.51 -11.67
CA THR A 486 2.34 -19.19 -12.74
C THR A 486 3.84 -18.97 -12.58
N ARG A 487 4.60 -19.89 -13.15
CA ARG A 487 6.04 -19.81 -13.14
C ARG A 487 6.47 -19.29 -14.50
N GLU A 488 6.64 -17.97 -14.61
CA GLU A 488 7.09 -17.40 -15.87
C GLU A 488 7.85 -16.10 -15.59
N VAL A 489 8.33 -15.51 -16.68
CA VAL A 489 9.09 -14.28 -16.63
C VAL A 489 8.37 -13.24 -17.49
N LEU A 490 8.21 -12.05 -16.95
CA LEU A 490 7.71 -10.90 -17.69
C LEU A 490 8.92 -10.17 -18.27
N THR A 491 9.03 -10.17 -19.60
CA THR A 491 10.08 -9.41 -20.28
C THR A 491 9.40 -8.38 -21.17
N THR A 492 9.76 -7.12 -20.99
CA THR A 492 9.17 -6.04 -21.77
C THR A 492 10.18 -4.91 -21.86
N ASN A 493 9.90 -3.95 -22.72
CA ASN A 493 10.68 -2.73 -22.77
C ASN A 493 10.03 -1.71 -21.84
N VAL A 494 10.88 -0.93 -21.18
CA VAL A 494 10.42 0.07 -20.23
C VAL A 494 11.30 1.30 -20.44
N THR A 495 10.72 2.48 -20.19
CA THR A 495 11.40 3.73 -20.48
C THR A 495 11.40 4.60 -19.24
N PRO A 496 12.55 5.08 -18.78
CA PRO A 496 12.57 5.94 -17.60
C PRO A 496 12.02 7.32 -17.92
N THR A 497 11.68 8.05 -16.87
CA THR A 497 11.24 9.42 -17.01
C THR A 497 12.02 10.28 -16.03
N THR A 498 12.07 11.58 -16.32
CA THR A 498 12.68 12.54 -15.41
C THR A 498 11.70 13.68 -15.16
N GLY A 499 12.00 14.48 -14.15
CA GLY A 499 11.13 15.60 -13.84
C GLY A 499 10.46 15.41 -12.50
N LEU A 500 10.15 16.52 -11.84
CA LEU A 500 9.62 16.50 -10.48
C LEU A 500 8.17 16.96 -10.47
N THR A 501 7.29 16.13 -9.92
CA THR A 501 5.90 16.49 -9.65
C THR A 501 5.82 17.38 -8.41
N PRO A 502 4.75 18.15 -8.26
CA PRO A 502 4.59 18.94 -7.03
C PRO A 502 4.68 18.10 -5.77
N TYR A 503 4.06 16.91 -5.76
CA TYR A 503 4.06 16.10 -4.54
C TYR A 503 5.46 15.58 -4.20
N ALA A 504 6.27 15.30 -5.23
CA ALA A 504 7.67 14.93 -5.00
C ALA A 504 8.43 16.05 -4.31
N ARG A 505 8.24 17.30 -4.75
CA ARG A 505 8.94 18.41 -4.14
C ARG A 505 8.50 18.63 -2.71
N THR A 506 7.33 18.13 -2.31
CA THR A 506 6.84 18.56 -1.00
C THR A 506 6.48 17.45 -0.01
N GLY A 507 6.03 16.28 -0.48
CA GLY A 507 5.40 15.43 0.49
C GLY A 507 4.05 16.03 0.84
N ASN A 508 3.55 15.72 2.03
CA ASN A 508 2.15 16.05 2.31
C ASN A 508 1.99 17.08 3.44
N TRP A 509 2.99 17.93 3.65
CA TRP A 509 2.77 19.06 4.56
C TRP A 509 1.77 20.08 4.00
N PRO A 510 1.67 20.33 2.68
CA PRO A 510 0.58 21.22 2.22
C PRO A 510 -0.79 20.71 2.61
N LEU A 511 -1.10 19.43 2.34
CA LEU A 511 -2.38 18.88 2.78
C LEU A 511 -2.56 19.03 4.28
N TRP A 512 -1.45 18.96 5.03
CA TRP A 512 -1.54 19.14 6.47
C TRP A 512 -1.79 20.60 6.86
N VAL A 513 -1.37 21.56 6.02
CA VAL A 513 -1.73 22.93 6.40
C VAL A 513 -3.19 23.19 6.06
N LEU A 514 -3.71 22.57 5.00
CA LEU A 514 -5.15 22.60 4.76
C LEU A 514 -5.90 21.91 5.89
N THR A 515 -5.49 20.69 6.24
CA THR A 515 -6.09 20.00 7.37
C THR A 515 -6.07 20.87 8.62
N ALA A 516 -5.00 21.65 8.81
CA ALA A 516 -4.87 22.46 10.01
C ALA A 516 -5.82 23.66 9.99
N LEU A 517 -5.85 24.39 8.87
CA LEU A 517 -6.70 25.57 8.84
C LEU A 517 -8.19 25.21 8.69
N PHE A 518 -8.52 24.13 7.97
CA PHE A 518 -9.90 23.64 8.05
C PHE A 518 -10.24 23.22 9.47
N GLY A 519 -9.40 22.38 10.07
CA GLY A 519 -9.65 21.94 11.44
C GLY A 519 -9.67 23.08 12.43
N PHE A 520 -8.91 24.14 12.14
CA PHE A 520 -8.91 25.32 13.01
C PHE A 520 -10.20 26.13 12.82
N ALA A 521 -10.49 26.49 11.57
CA ALA A 521 -11.76 27.15 11.25
C ALA A 521 -12.94 26.37 11.77
N ALA A 522 -12.92 25.04 11.63
CA ALA A 522 -14.05 24.24 12.09
C ALA A 522 -14.18 24.27 13.61
N VAL A 523 -13.06 24.16 14.33
CA VAL A 523 -13.16 24.18 15.79
C VAL A 523 -13.60 25.55 16.29
N LEU A 524 -13.23 26.61 15.56
CA LEU A 524 -13.64 27.97 15.94
C LEU A 524 -15.15 28.10 15.94
N MET A 525 -15.79 27.88 14.78
CA MET A 525 -17.22 28.04 14.66
C MET A 525 -17.98 27.18 15.66
N SER A 526 -17.43 26.02 16.02
CA SER A 526 -18.08 25.16 17.00
C SER A 526 -17.92 25.66 18.42
N LEU A 527 -17.07 26.67 18.64
CA LEU A 527 -16.95 27.31 19.95
C LEU A 527 -17.86 28.53 20.04
N ARG A 528 -19.13 28.33 19.72
CA ARG A 528 -20.11 29.41 19.77
C ARG A 528 -21.45 28.88 20.26
#